data_8QJ8
#
_entry.id   8QJ8
#
_cell.length_a   76.723
_cell.length_b   125.993
_cell.length_c   118.674
_cell.angle_alpha   90.00
_cell.angle_beta   90.00
_cell.angle_gamma   90.00
#
_symmetry.space_group_name_H-M   'C 2 2 21'
#
loop_
_entity.id
_entity.type
_entity.pdbx_description
1 polymer 'Phosphopantetheine adenylyltransferase'
2 non-polymer '3-[3-(3-azanyl-2-cyano-phenyl)indol-1-yl]propanoic acid'
3 water water
#
_entity_poly.entity_id   1
_entity_poly.type   'polypeptide(L)'
_entity_poly.pdbx_seq_one_letter_code
;SMTGAVCPGSFDPVTLGHLDVFERAAAQFDEVIVAVLINPNKAGMFTVDERIEMIRESTADLPNLRVESGQGLLVDFVRE
RGLNAIVKGLRTGTDFEYELQMAQMNKHIAGVDTFFVATAPAYSFVSSSLAKEVATYGGDVSALLPASVHQRLLGKLRGQ
AQ
;
_entity_poly.pdbx_strand_id   A,B,C
#
# COMPACT_ATOMS: atom_id res chain seq x y z
N MET A 2 -4.77 16.38 34.52
CA MET A 2 -3.36 16.04 34.37
C MET A 2 -3.11 15.24 33.10
N THR A 3 -3.58 13.99 33.08
CA THR A 3 -3.38 13.10 31.94
C THR A 3 -4.09 13.61 30.68
N GLY A 4 -3.51 13.37 29.51
CA GLY A 4 -4.11 13.85 28.28
C GLY A 4 -3.52 13.23 27.04
N ALA A 5 -4.31 13.13 25.98
CA ALA A 5 -3.78 12.59 24.74
C ALA A 5 -4.38 13.29 23.54
N VAL A 6 -3.62 13.27 22.44
CA VAL A 6 -4.08 13.80 21.16
C VAL A 6 -4.46 12.64 20.26
N CYS A 7 -5.63 12.76 19.61
CA CYS A 7 -6.14 11.75 18.68
C CYS A 7 -6.12 12.33 17.29
N PRO A 8 -5.12 11.96 16.47
CA PRO A 8 -4.89 12.69 15.22
C PRO A 8 -5.45 11.96 14.01
N GLY A 9 -5.81 12.72 12.99
CA GLY A 9 -6.31 12.12 11.77
C GLY A 9 -6.76 13.15 10.77
N SER A 10 -7.15 12.71 9.58
CA SER A 10 -7.70 13.61 8.60
C SER A 10 -9.20 13.82 8.83
N PHE A 11 -9.88 12.81 9.34
CA PHE A 11 -11.32 12.83 9.63
C PHE A 11 -12.14 13.49 8.51
N ASP A 12 -12.01 12.90 7.32
CA ASP A 12 -12.58 13.45 6.09
C ASP A 12 -13.52 12.48 5.37
N PRO A 13 -14.68 12.19 5.96
CA PRO A 13 -15.23 12.69 7.21
C PRO A 13 -15.03 11.75 8.36
N VAL A 14 -15.36 12.22 9.55
CA VAL A 14 -15.43 11.35 10.72
C VAL A 14 -16.43 10.21 10.51
N THR A 15 -16.03 9.01 10.93
CA THR A 15 -16.90 7.84 10.88
C THR A 15 -17.23 7.34 12.28
N LEU A 16 -18.15 6.39 12.36
CA LEU A 16 -18.49 5.79 13.65
C LEU A 16 -17.30 5.04 14.27
N GLY A 17 -16.39 4.55 13.43
CA GLY A 17 -15.18 3.91 13.92
C GLY A 17 -14.30 4.92 14.65
N HIS A 18 -14.18 6.12 14.09
CA HIS A 18 -13.45 7.18 14.76
C HIS A 18 -14.10 7.55 16.07
N LEU A 19 -15.42 7.73 16.03
CA LEU A 19 -16.15 8.20 17.21
C LEU A 19 -16.03 7.22 18.36
N ASP A 20 -16.03 5.93 18.04
CA ASP A 20 -15.86 4.90 19.05
C ASP A 20 -14.51 5.07 19.74
N VAL A 21 -13.46 5.34 18.96
CA VAL A 21 -12.14 5.55 19.53
C VAL A 21 -12.10 6.84 20.35
N PHE A 22 -12.74 7.90 19.87
CA PHE A 22 -12.80 9.15 20.67
C PHE A 22 -13.42 8.93 22.04
N GLU A 23 -14.54 8.21 22.04
CA GLU A 23 -15.28 7.94 23.27
C GLU A 23 -14.43 7.13 24.22
N ARG A 24 -13.75 6.13 23.69
CA ARG A 24 -12.91 5.26 24.51
C ARG A 24 -11.68 5.98 25.05
N ALA A 25 -11.08 6.86 24.25
CA ALA A 25 -9.97 7.66 24.73
C ALA A 25 -10.43 8.61 25.82
N ALA A 26 -11.59 9.24 25.62
CA ALA A 26 -12.07 10.25 26.59
C ALA A 26 -12.41 9.58 27.92
N ALA A 27 -12.73 8.30 27.88
CA ALA A 27 -13.05 7.58 29.12
C ALA A 27 -11.79 7.27 29.92
N GLN A 28 -10.63 7.32 29.29
CA GLN A 28 -9.39 6.90 29.94
C GLN A 28 -8.34 7.97 30.22
N PHE A 29 -8.40 9.10 29.52
CA PHE A 29 -7.48 10.22 29.76
C PHE A 29 -8.25 11.41 30.33
N ASP A 30 -7.61 12.28 31.11
CA ASP A 30 -8.32 13.42 31.68
C ASP A 30 -8.83 14.36 30.59
N GLU A 31 -8.02 14.59 29.56
CA GLU A 31 -8.49 15.37 28.41
C GLU A 31 -8.06 14.73 27.11
N VAL A 32 -8.88 14.89 26.08
CA VAL A 32 -8.53 14.42 24.75
C VAL A 32 -8.69 15.56 23.75
N ILE A 33 -7.68 15.75 22.91
CA ILE A 33 -7.77 16.72 21.82
C ILE A 33 -7.79 15.95 20.51
N VAL A 34 -8.88 16.10 19.76
CA VAL A 34 -8.94 15.52 18.42
C VAL A 34 -8.25 16.51 17.49
N ALA A 35 -7.18 16.06 16.87
CA ALA A 35 -6.38 16.91 15.98
C ALA A 35 -6.72 16.60 14.54
N VAL A 36 -7.37 17.55 13.89
CA VAL A 36 -7.66 17.45 12.47
C VAL A 36 -6.46 17.98 11.74
N LEU A 37 -5.66 17.07 11.18
CA LEU A 37 -4.41 17.46 10.55
C LEU A 37 -4.61 17.62 9.05
N ILE A 38 -4.28 18.82 8.58
CA ILE A 38 -4.50 19.30 7.23
C ILE A 38 -3.18 19.31 6.46
N ASN A 39 -3.20 18.83 5.23
CA ASN A 39 -2.11 19.05 4.31
C ASN A 39 -2.49 20.26 3.48
N PRO A 40 -1.73 21.36 3.62
CA PRO A 40 -2.10 22.63 2.97
C PRO A 40 -1.97 22.58 1.45
N ASN A 41 -1.47 21.47 0.91
CA ASN A 41 -1.29 21.34 -0.52
C ASN A 41 -2.17 20.27 -1.15
N LYS A 42 -3.02 19.63 -0.35
CA LYS A 42 -4.04 18.74 -0.92
C LYS A 42 -5.33 18.81 -0.12
N ALA A 43 -6.35 19.39 -0.73
CA ALA A 43 -7.66 19.48 -0.11
C ALA A 43 -8.29 18.10 -0.06
N GLY A 44 -9.15 17.89 0.91
CA GLY A 44 -9.93 16.66 0.93
C GLY A 44 -11.31 16.95 0.39
N MET A 45 -12.27 16.12 0.76
CA MET A 45 -13.65 16.36 0.40
C MET A 45 -14.25 17.51 1.20
N PHE A 46 -13.94 17.55 2.49
CA PHE A 46 -14.50 18.52 3.41
C PHE A 46 -13.44 19.52 3.84
N THR A 47 -13.86 20.77 3.97
CA THR A 47 -12.98 21.80 4.50
C THR A 47 -12.71 21.54 5.98
N VAL A 48 -11.67 22.18 6.50
CA VAL A 48 -11.34 22.01 7.91
C VAL A 48 -12.52 22.40 8.80
N ASP A 49 -13.20 23.50 8.50
CA ASP A 49 -14.32 23.92 9.34
C ASP A 49 -15.45 22.89 9.32
N GLU A 50 -15.69 22.29 8.15
CA GLU A 50 -16.70 21.24 8.00
C GLU A 50 -16.31 20.02 8.81
N ARG A 51 -15.05 19.63 8.73
CA ARG A 51 -14.58 18.46 9.48
C ARG A 51 -14.78 18.65 10.96
N ILE A 52 -14.40 19.83 11.45
CA ILE A 52 -14.50 20.09 12.87
C ILE A 52 -15.96 20.13 13.33
N GLU A 53 -16.83 20.75 12.53
CA GLU A 53 -18.24 20.82 12.88
C GLU A 53 -18.86 19.42 12.95
N MET A 54 -18.50 18.55 12.03
CA MET A 54 -19.06 17.19 12.04
C MET A 54 -18.60 16.42 13.29
N ILE A 55 -17.35 16.64 13.69
CA ILE A 55 -16.87 15.97 14.89
C ILE A 55 -17.53 16.54 16.14
N ARG A 56 -17.64 17.87 16.22
CA ARG A 56 -18.25 18.47 17.40
C ARG A 56 -19.69 18.05 17.61
N GLU A 57 -20.45 17.97 16.53
CA GLU A 57 -21.86 17.64 16.63
C GLU A 57 -22.09 16.21 17.12
N SER A 58 -21.12 15.32 16.93
CA SER A 58 -21.29 13.94 17.40
C SER A 58 -20.44 13.60 18.63
N THR A 59 -19.82 14.60 19.25
CA THR A 59 -19.07 14.40 20.49
C THR A 59 -19.56 15.30 21.62
N ALA A 60 -20.79 15.81 21.50
CA ALA A 60 -21.30 16.79 22.46
C ALA A 60 -21.41 16.21 23.88
N ASP A 61 -21.49 14.89 23.99
CA ASP A 61 -21.64 14.23 25.28
C ASP A 61 -20.30 13.89 25.93
N LEU A 62 -19.21 14.31 25.31
CA LEU A 62 -17.89 14.06 25.85
C LEU A 62 -17.28 15.36 26.35
N PRO A 63 -17.44 15.64 27.66
CA PRO A 63 -17.06 16.96 28.20
C PRO A 63 -15.57 17.23 28.19
N ASN A 64 -14.74 16.18 28.21
CA ASN A 64 -13.29 16.36 28.27
C ASN A 64 -12.60 16.21 26.92
N LEU A 65 -13.39 16.29 25.86
CA LEU A 65 -12.87 16.24 24.49
C LEU A 65 -13.03 17.59 23.80
N ARG A 66 -11.97 18.05 23.17
CA ARG A 66 -12.07 19.21 22.29
C ARG A 66 -11.46 18.91 20.93
N VAL A 67 -11.77 19.76 19.96
CA VAL A 67 -11.35 19.55 18.58
C VAL A 67 -10.59 20.75 18.05
N GLU A 68 -9.39 20.51 17.51
CA GLU A 68 -8.52 21.56 16.95
C GLU A 68 -7.89 21.08 15.67
N SER A 69 -7.57 22.00 14.77
CA SER A 69 -6.86 21.61 13.57
C SER A 69 -5.39 21.98 13.66
N GLY A 70 -4.61 21.42 12.76
CA GLY A 70 -3.19 21.70 12.70
C GLY A 70 -2.53 21.18 11.45
N GLN A 71 -1.23 21.41 11.35
CA GLN A 71 -0.45 20.90 10.24
C GLN A 71 1.01 20.80 10.66
N GLY A 72 1.83 20.15 9.83
CA GLY A 72 3.23 19.96 10.17
C GLY A 72 3.39 18.76 11.07
N LEU A 73 4.44 18.77 11.89
CA LEU A 73 4.76 17.64 12.76
C LEU A 73 3.74 17.45 13.88
N LEU A 74 3.19 16.24 13.96
CA LEU A 74 2.25 15.92 15.01
C LEU A 74 2.87 16.11 16.39
N VAL A 75 4.14 15.74 16.56
CA VAL A 75 4.71 15.82 17.89
C VAL A 75 4.83 17.28 18.35
N ASP A 76 4.87 18.22 17.41
CA ASP A 76 4.89 19.64 17.80
C ASP A 76 3.51 20.06 18.32
N PHE A 77 2.46 19.62 17.64
CA PHE A 77 1.08 19.85 18.08
C PHE A 77 0.89 19.34 19.50
N VAL A 78 1.40 18.13 19.75
CA VAL A 78 1.25 17.50 21.06
C VAL A 78 2.00 18.27 22.15
N ARG A 79 3.28 18.54 21.91
CA ARG A 79 4.12 19.14 22.93
C ARG A 79 3.75 20.60 23.20
N GLU A 80 3.22 21.30 22.21
CA GLU A 80 2.88 22.72 22.43
C GLU A 80 1.67 22.84 23.35
N ARG A 81 0.93 21.74 23.51
CA ARG A 81 -0.20 21.70 24.44
C ARG A 81 0.17 21.07 25.78
N GLY A 82 1.46 20.83 25.99
CA GLY A 82 1.95 20.32 27.26
C GLY A 82 1.62 18.85 27.48
N LEU A 83 1.35 18.16 26.37
CA LEU A 83 1.02 16.74 26.43
C LEU A 83 2.16 15.90 25.88
N ASN A 84 2.06 14.58 26.04
CA ASN A 84 3.14 13.73 25.62
C ASN A 84 2.63 12.40 25.11
N ALA A 85 1.36 12.36 24.76
CA ALA A 85 0.75 11.11 24.29
C ALA A 85 -0.16 11.31 23.11
N ILE A 86 -0.08 10.35 22.18
CA ILE A 86 -0.94 10.22 21.02
C ILE A 86 -1.81 9.00 21.24
N VAL A 87 -3.08 9.04 20.83
CA VAL A 87 -3.93 7.84 20.90
C VAL A 87 -4.60 7.61 19.55
N LYS A 88 -4.60 6.36 19.10
CA LYS A 88 -5.09 6.00 17.76
C LYS A 88 -5.71 4.63 17.75
N GLY A 89 -6.70 4.42 16.88
CA GLY A 89 -7.26 3.09 16.71
C GLY A 89 -6.58 2.31 15.59
N LEU A 90 -6.59 0.99 15.71
CA LEU A 90 -6.06 0.11 14.68
C LEU A 90 -7.07 -0.96 14.31
N ARG A 91 -7.14 -1.30 13.03
CA ARG A 91 -8.00 -2.39 12.55
C ARG A 91 -7.24 -3.67 12.26
N THR A 92 -6.06 -3.55 11.68
CA THR A 92 -5.32 -4.73 11.22
C THR A 92 -3.86 -4.76 11.68
N GLY A 93 -3.25 -5.93 11.62
CA GLY A 93 -1.83 -6.09 11.89
C GLY A 93 -0.96 -5.25 10.98
N THR A 94 -1.46 -4.97 9.77
CA THR A 94 -0.75 -4.10 8.84
C THR A 94 -0.80 -2.65 9.30
N ASP A 95 -1.97 -2.21 9.79
CA ASP A 95 -2.11 -0.92 10.45
C ASP A 95 -1.07 -0.82 11.55
N PHE A 96 -0.95 -1.89 12.32
CA PHE A 96 0.01 -1.89 13.42
C PHE A 96 1.43 -1.70 12.92
N GLU A 97 1.83 -2.41 11.86
CA GLU A 97 3.19 -2.27 11.36
C GLU A 97 3.51 -0.83 10.95
N TYR A 98 2.58 -0.20 10.24
CA TYR A 98 2.74 1.17 9.79
C TYR A 98 2.77 2.15 10.96
N GLU A 99 1.81 2.02 11.86
CA GLU A 99 1.74 2.93 12.99
C GLU A 99 2.86 2.70 14.01
N LEU A 100 3.37 1.47 14.08
CA LEU A 100 4.53 1.20 14.93
C LEU A 100 5.73 2.01 14.43
N GLN A 101 5.91 2.07 13.11
CA GLN A 101 7.05 2.80 12.59
C GLN A 101 6.90 4.30 12.88
N MET A 102 5.69 4.81 12.71
CA MET A 102 5.44 6.21 13.04
C MET A 102 5.60 6.49 14.53
N ALA A 103 5.12 5.57 15.35
CA ALA A 103 5.20 5.80 16.79
C ALA A 103 6.65 5.77 17.29
N GLN A 104 7.45 4.85 16.75
CA GLN A 104 8.85 4.77 17.13
C GLN A 104 9.63 6.00 16.66
N MET A 105 9.29 6.52 15.47
CA MET A 105 9.90 7.76 14.97
C MET A 105 9.53 8.93 15.88
N ASN A 106 8.25 9.01 16.25
CA ASN A 106 7.77 10.11 17.10
C ASN A 106 8.37 10.09 18.49
N LYS A 107 8.59 8.89 19.03
CA LYS A 107 9.22 8.81 20.36
C LYS A 107 10.69 9.18 20.22
N HIS A 108 11.32 8.75 19.13
CA HIS A 108 12.71 9.10 18.87
C HIS A 108 12.97 10.60 18.76
N ILE A 109 12.16 11.30 17.97
CA ILE A 109 12.45 12.71 17.72
C ILE A 109 11.94 13.64 18.81
N ALA A 110 10.97 13.21 19.61
CA ALA A 110 10.33 14.14 20.55
C ALA A 110 9.96 13.56 21.91
N GLY A 111 10.18 12.27 22.11
CA GLY A 111 9.84 11.64 23.37
C GLY A 111 8.34 11.45 23.59
N VAL A 112 7.55 11.65 22.53
CA VAL A 112 6.11 11.53 22.63
C VAL A 112 5.73 10.06 22.44
N ASP A 113 4.89 9.54 23.33
CA ASP A 113 4.48 8.13 23.23
C ASP A 113 3.16 7.99 22.50
N THR A 114 2.85 6.77 22.05
CA THR A 114 1.62 6.50 21.34
C THR A 114 0.92 5.31 21.97
N PHE A 115 -0.38 5.43 22.20
CA PHE A 115 -1.23 4.36 22.69
C PHE A 115 -2.25 3.97 21.65
N PHE A 116 -2.39 2.67 21.45
CA PHE A 116 -3.32 2.17 20.43
C PHE A 116 -4.48 1.43 21.06
N VAL A 117 -5.64 1.52 20.43
CA VAL A 117 -6.75 0.63 20.82
C VAL A 117 -7.18 -0.16 19.61
N ALA A 118 -7.71 -1.36 19.85
CA ALA A 118 -8.28 -2.17 18.78
C ALA A 118 -9.63 -1.66 18.38
N THR A 119 -9.91 -1.64 17.07
CA THR A 119 -11.23 -1.30 16.54
C THR A 119 -12.35 -2.06 17.27
N ALA A 120 -13.52 -1.44 17.40
CA ALA A 120 -14.73 -2.20 17.71
C ALA A 120 -14.96 -3.18 16.57
N PRO A 121 -15.37 -4.41 16.87
CA PRO A 121 -15.64 -5.35 15.77
C PRO A 121 -16.56 -4.82 14.67
N ALA A 122 -17.62 -4.11 15.04
CA ALA A 122 -18.60 -3.65 14.06
C ALA A 122 -18.01 -2.71 13.01
N TYR A 123 -16.89 -2.07 13.34
CA TYR A 123 -16.34 -1.05 12.45
C TYR A 123 -15.03 -1.43 11.79
N SER A 124 -14.71 -2.72 11.81
CA SER A 124 -13.46 -3.21 11.24
C SER A 124 -13.28 -2.90 9.72
N PHE A 125 -14.38 -2.72 9.02
CA PHE A 125 -14.29 -2.50 7.57
C PHE A 125 -14.55 -1.04 7.21
N VAL A 126 -14.72 -0.19 8.22
CA VAL A 126 -15.08 1.20 7.99
C VAL A 126 -13.84 2.10 7.85
N SER A 127 -13.81 2.88 6.78
CA SER A 127 -12.80 3.94 6.62
C SER A 127 -13.47 5.11 5.93
N SER A 128 -12.90 6.29 6.11
CA SER A 128 -13.40 7.45 5.40
C SER A 128 -13.33 7.24 3.90
N SER A 129 -12.20 6.70 3.44
CA SER A 129 -12.00 6.57 2.00
C SER A 129 -12.99 5.56 1.38
N LEU A 130 -13.21 4.43 2.03
CA LEU A 130 -14.11 3.45 1.44
C LEU A 130 -15.55 3.94 1.54
N ALA A 131 -15.88 4.62 2.62
CA ALA A 131 -17.23 5.17 2.74
C ALA A 131 -17.49 6.19 1.63
N LYS A 132 -16.53 7.07 1.35
CA LYS A 132 -16.70 8.05 0.26
C LYS A 132 -16.80 7.36 -1.09
N GLU A 133 -15.97 6.34 -1.32
CA GLU A 133 -15.99 5.62 -2.60
C GLU A 133 -17.33 4.92 -2.83
N VAL A 134 -17.82 4.21 -1.82
CA VAL A 134 -19.11 3.55 -1.92
C VAL A 134 -20.25 4.55 -2.15
N ALA A 135 -20.23 5.66 -1.41
CA ALA A 135 -21.28 6.65 -1.52
C ALA A 135 -21.26 7.29 -2.89
N THR A 136 -20.07 7.47 -3.45
CA THR A 136 -19.92 8.07 -4.78
C THR A 136 -20.68 7.28 -5.83
N TYR A 137 -20.80 5.97 -5.64
CA TYR A 137 -21.51 5.13 -6.58
C TYR A 137 -22.87 4.71 -6.06
N GLY A 138 -23.33 5.41 -5.03
CA GLY A 138 -24.71 5.27 -4.57
C GLY A 138 -24.98 4.17 -3.57
N GLY A 139 -23.92 3.60 -3.00
CA GLY A 139 -24.09 2.60 -1.96
C GLY A 139 -24.50 3.21 -0.64
N ASP A 140 -25.25 2.46 0.16
CA ASP A 140 -25.81 2.97 1.41
C ASP A 140 -24.82 2.85 2.57
N VAL A 141 -24.22 3.97 2.96
CA VAL A 141 -23.25 3.98 4.06
C VAL A 141 -23.81 4.66 5.31
N SER A 142 -25.12 4.83 5.35
CA SER A 142 -25.79 5.52 6.45
C SER A 142 -25.50 4.93 7.84
N ALA A 143 -25.28 3.62 7.92
CA ALA A 143 -25.06 3.00 9.22
C ALA A 143 -23.61 3.08 9.68
N LEU A 144 -22.75 3.70 8.88
CA LEU A 144 -21.32 3.71 9.17
C LEU A 144 -20.84 5.09 9.60
N LEU A 145 -21.74 6.06 9.49
CA LEU A 145 -21.41 7.46 9.74
C LEU A 145 -22.39 8.08 10.73
N PRO A 146 -21.92 9.04 11.54
CA PRO A 146 -22.84 9.72 12.46
C PRO A 146 -23.79 10.64 11.72
N ALA A 147 -24.89 11.03 12.36
CA ALA A 147 -25.91 11.86 11.71
C ALA A 147 -25.34 13.18 11.20
N SER A 148 -24.31 13.68 11.89
CA SER A 148 -23.71 14.95 11.52
C SER A 148 -22.98 14.89 10.18
N VAL A 149 -22.91 13.70 9.58
CA VAL A 149 -22.05 13.46 8.41
C VAL A 149 -22.77 12.98 7.15
N HIS A 150 -23.68 12.03 7.29
CA HIS A 150 -24.19 11.29 6.12
C HIS A 150 -24.80 12.17 5.04
N GLN A 151 -25.70 13.06 5.44
CA GLN A 151 -26.36 13.90 4.44
C GLN A 151 -25.43 14.99 3.92
N ARG A 152 -24.55 15.52 4.77
CA ARG A 152 -23.51 16.44 4.29
C ARG A 152 -22.69 15.79 3.18
N LEU A 153 -22.37 14.51 3.37
CA LEU A 153 -21.63 13.76 2.37
C LEU A 153 -22.39 13.62 1.05
N LEU A 154 -23.67 13.26 1.15
CA LEU A 154 -24.49 13.15 -0.06
C LEU A 154 -24.55 14.50 -0.77
N GLY A 155 -24.56 15.58 0.00
CA GLY A 155 -24.56 16.93 -0.55
C GLY A 155 -23.31 17.23 -1.35
N LYS A 156 -22.13 16.89 -0.82
CA LYS A 156 -20.88 17.02 -1.56
C LYS A 156 -20.93 16.27 -2.87
N LEU A 157 -21.43 15.04 -2.81
CA LEU A 157 -21.44 14.17 -3.98
C LEU A 157 -22.41 14.67 -5.04
N ARG A 158 -23.39 15.48 -4.64
CA ARG A 158 -24.28 16.12 -5.60
C ARG A 158 -24.01 17.62 -5.71
N MET B 2 -30.22 -22.49 -8.82
CA MET B 2 -29.39 -21.59 -9.61
C MET B 2 -28.30 -20.94 -8.75
N THR B 3 -27.14 -21.57 -8.68
CA THR B 3 -25.99 -20.98 -8.00
C THR B 3 -25.21 -20.12 -8.99
N GLY B 4 -24.51 -19.10 -8.50
CA GLY B 4 -23.74 -18.25 -9.38
C GLY B 4 -22.89 -17.22 -8.66
N ALA B 5 -21.93 -16.65 -9.37
CA ALA B 5 -21.08 -15.61 -8.79
C ALA B 5 -20.51 -14.71 -9.86
N VAL B 6 -20.20 -13.48 -9.46
CA VAL B 6 -19.49 -12.53 -10.30
C VAL B 6 -18.02 -12.49 -9.93
N CYS B 7 -17.14 -12.59 -10.91
CA CYS B 7 -15.69 -12.51 -10.68
C CYS B 7 -15.14 -11.19 -11.22
N PRO B 8 -14.93 -10.20 -10.33
CA PRO B 8 -14.59 -8.84 -10.76
C PRO B 8 -13.08 -8.59 -10.83
N GLY B 9 -12.66 -7.74 -11.75
CA GLY B 9 -11.27 -7.36 -11.84
C GLY B 9 -10.95 -6.44 -13.00
N SER B 10 -9.72 -5.96 -13.06
CA SER B 10 -9.24 -5.16 -14.17
C SER B 10 -8.83 -6.04 -15.35
N PHE B 11 -8.19 -7.17 -15.04
CA PHE B 11 -7.73 -8.13 -16.05
C PHE B 11 -7.02 -7.44 -17.22
N ASP B 12 -5.96 -6.71 -16.88
CA ASP B 12 -5.26 -5.83 -17.81
C ASP B 12 -3.77 -6.15 -17.95
N PRO B 13 -3.44 -7.29 -18.59
CA PRO B 13 -4.35 -8.30 -19.15
C PRO B 13 -4.60 -9.48 -18.22
N VAL B 14 -5.52 -10.33 -18.62
CA VAL B 14 -5.75 -11.58 -17.90
C VAL B 14 -4.46 -12.41 -17.86
N THR B 15 -4.16 -13.02 -16.70
CA THR B 15 -3.00 -13.88 -16.55
C THR B 15 -3.42 -15.33 -16.29
N LEU B 16 -2.46 -16.26 -16.26
CA LEU B 16 -2.82 -17.64 -15.95
C LEU B 16 -3.30 -17.79 -14.51
N GLY B 17 -2.89 -16.89 -13.62
CA GLY B 17 -3.42 -16.85 -12.27
C GLY B 17 -4.91 -16.56 -12.27
N HIS B 18 -5.32 -15.57 -13.05
CA HIS B 18 -6.74 -15.28 -13.16
C HIS B 18 -7.50 -16.45 -13.75
N LEU B 19 -6.96 -17.01 -14.83
CA LEU B 19 -7.63 -18.07 -15.57
C LEU B 19 -7.84 -19.28 -14.68
N ASP B 20 -6.86 -19.58 -13.84
CA ASP B 20 -6.99 -20.69 -12.92
C ASP B 20 -8.17 -20.46 -11.98
N VAL B 21 -8.32 -19.23 -11.47
CA VAL B 21 -9.47 -18.90 -10.63
C VAL B 21 -10.79 -18.99 -11.41
N PHE B 22 -10.82 -18.48 -12.64
CA PHE B 22 -12.01 -18.62 -13.47
C PHE B 22 -12.47 -20.07 -13.61
N GLU B 23 -11.52 -20.95 -13.90
CA GLU B 23 -11.82 -22.35 -14.12
C GLU B 23 -12.37 -22.98 -12.85
N ARG B 24 -11.77 -22.62 -11.73
CA ARG B 24 -12.17 -23.23 -10.49
C ARG B 24 -13.55 -22.74 -10.02
N ALA B 25 -13.85 -21.47 -10.29
CA ALA B 25 -15.17 -20.94 -10.01
C ALA B 25 -16.23 -21.59 -10.88
N ALA B 26 -15.90 -21.73 -12.16
CA ALA B 26 -16.86 -22.30 -13.11
C ALA B 26 -17.12 -23.76 -12.81
N ALA B 27 -16.16 -24.42 -12.16
CA ALA B 27 -16.32 -25.83 -11.81
C ALA B 27 -17.30 -26.05 -10.67
N GLN B 28 -17.56 -25.00 -9.89
CA GLN B 28 -18.39 -25.16 -8.70
C GLN B 28 -19.72 -24.40 -8.71
N PHE B 29 -19.83 -23.35 -9.54
CA PHE B 29 -21.03 -22.51 -9.59
C PHE B 29 -21.74 -22.80 -10.91
N ASP B 30 -23.06 -22.72 -10.93
CA ASP B 30 -23.81 -22.97 -12.18
C ASP B 30 -23.47 -21.92 -13.22
N GLU B 31 -23.25 -20.69 -12.76
CA GLU B 31 -23.00 -19.57 -13.66
C GLU B 31 -21.91 -18.67 -13.07
N VAL B 32 -20.96 -18.27 -13.90
CA VAL B 32 -19.94 -17.29 -13.50
C VAL B 32 -19.97 -16.14 -14.49
N ILE B 33 -20.00 -14.91 -13.98
CA ILE B 33 -19.88 -13.74 -14.83
C ILE B 33 -18.59 -13.02 -14.48
N VAL B 34 -17.68 -12.94 -15.45
CA VAL B 34 -16.46 -12.19 -15.24
C VAL B 34 -16.78 -10.73 -15.57
N ALA B 35 -16.55 -9.83 -14.62
CA ALA B 35 -16.85 -8.41 -14.78
C ALA B 35 -15.55 -7.65 -14.95
N VAL B 36 -15.37 -7.07 -16.14
CA VAL B 36 -14.15 -6.34 -16.46
C VAL B 36 -14.36 -4.87 -16.11
N LEU B 37 -13.70 -4.43 -15.05
CA LEU B 37 -14.02 -3.15 -14.43
C LEU B 37 -13.37 -2.01 -15.18
N ILE B 38 -14.21 -1.12 -15.71
CA ILE B 38 -13.75 0.06 -16.43
C ILE B 38 -13.45 1.19 -15.45
N ASN B 39 -12.20 1.61 -15.42
CA ASN B 39 -11.81 2.73 -14.57
C ASN B 39 -11.44 3.96 -15.41
N PRO B 40 -12.33 4.97 -15.42
CA PRO B 40 -12.16 6.18 -16.22
C PRO B 40 -10.97 7.02 -15.75
N ASN B 41 -10.55 6.82 -14.50
CA ASN B 41 -9.40 7.52 -13.96
C ASN B 41 -8.08 6.90 -14.43
N LYS B 42 -7.95 5.59 -14.24
CA LYS B 42 -6.75 4.88 -14.66
C LYS B 42 -7.05 3.93 -15.82
N ALA B 43 -6.94 4.44 -17.04
CA ALA B 43 -7.03 3.59 -18.22
C ALA B 43 -5.69 2.89 -18.42
N GLY B 44 -5.70 1.56 -18.33
CA GLY B 44 -4.47 0.79 -18.37
C GLY B 44 -3.87 0.61 -19.75
N MET B 45 -3.42 -0.60 -20.04
CA MET B 45 -2.77 -0.91 -21.29
C MET B 45 -3.77 -1.31 -22.38
N PHE B 46 -4.76 -2.12 -21.99
CA PHE B 46 -5.72 -2.66 -22.95
C PHE B 46 -7.09 -2.00 -22.75
N THR B 47 -7.81 -1.79 -23.84
CA THR B 47 -9.17 -1.27 -23.74
C THR B 47 -10.04 -2.34 -23.10
N VAL B 48 -11.18 -1.95 -22.56
CA VAL B 48 -12.11 -2.92 -21.99
C VAL B 48 -12.49 -3.99 -23.03
N ASP B 49 -12.71 -3.59 -24.27
CA ASP B 49 -13.10 -4.58 -25.27
C ASP B 49 -11.97 -5.56 -25.57
N GLU B 50 -10.75 -5.07 -25.60
CA GLU B 50 -9.58 -5.92 -25.81
C GLU B 50 -9.46 -6.92 -24.65
N ARG B 51 -9.70 -6.44 -23.45
CA ARG B 51 -9.61 -7.29 -22.26
C ARG B 51 -10.67 -8.38 -22.30
N ILE B 52 -11.89 -8.03 -22.68
CA ILE B 52 -12.99 -8.98 -22.78
C ILE B 52 -12.68 -10.02 -23.84
N GLU B 53 -12.17 -9.57 -24.99
CA GLU B 53 -11.75 -10.48 -26.05
C GLU B 53 -10.69 -11.48 -25.59
N MET B 54 -9.68 -11.00 -24.85
CA MET B 54 -8.64 -11.90 -24.36
C MET B 54 -9.17 -12.92 -23.36
N ILE B 55 -10.12 -12.51 -22.51
CA ILE B 55 -10.69 -13.43 -21.55
C ILE B 55 -11.56 -14.48 -22.27
N ARG B 56 -12.33 -14.03 -23.26
CA ARG B 56 -13.16 -14.97 -24.01
C ARG B 56 -12.34 -16.02 -24.74
N GLU B 57 -11.21 -15.63 -25.32
CA GLU B 57 -10.36 -16.62 -25.99
C GLU B 57 -9.79 -17.60 -24.96
N SER B 58 -9.43 -17.10 -23.79
CA SER B 58 -8.82 -17.96 -22.76
C SER B 58 -9.81 -18.88 -22.07
N THR B 59 -11.09 -18.53 -22.08
CA THR B 59 -12.13 -19.31 -21.39
C THR B 59 -13.09 -20.00 -22.35
N ALA B 60 -12.61 -20.28 -23.55
CA ALA B 60 -13.46 -20.86 -24.59
C ALA B 60 -14.07 -22.19 -24.16
N ASP B 61 -13.39 -22.92 -23.27
CA ASP B 61 -13.86 -24.23 -22.83
C ASP B 61 -14.73 -24.16 -21.57
N LEU B 62 -15.11 -22.96 -21.14
CA LEU B 62 -15.95 -22.79 -19.95
C LEU B 62 -17.34 -22.30 -20.34
N PRO B 63 -18.27 -23.25 -20.64
CA PRO B 63 -19.54 -22.81 -21.22
C PRO B 63 -20.46 -22.06 -20.27
N ASN B 64 -20.24 -22.20 -18.95
CA ASN B 64 -21.08 -21.53 -17.98
C ASN B 64 -20.48 -20.23 -17.45
N LEU B 65 -19.42 -19.76 -18.13
CA LEU B 65 -18.75 -18.50 -17.78
C LEU B 65 -18.95 -17.51 -18.91
N ARG B 66 -19.43 -16.33 -18.59
CA ARG B 66 -19.46 -15.27 -19.59
C ARG B 66 -18.76 -14.03 -19.09
N VAL B 67 -18.46 -13.14 -20.02
CA VAL B 67 -17.62 -11.96 -19.76
C VAL B 67 -18.39 -10.69 -20.17
N GLU B 68 -18.44 -9.70 -19.28
CA GLU B 68 -19.10 -8.43 -19.55
C GLU B 68 -18.27 -7.30 -18.96
N SER B 69 -18.42 -6.10 -19.53
CA SER B 69 -17.81 -4.93 -18.93
C SER B 69 -18.60 -4.56 -17.69
N GLY B 70 -17.90 -4.02 -16.69
CA GLY B 70 -18.54 -3.62 -15.45
C GLY B 70 -18.26 -2.16 -15.18
N GLN B 71 -19.29 -1.46 -14.72
CA GLN B 71 -19.12 -0.07 -14.34
C GLN B 71 -19.96 0.21 -13.11
N GLY B 72 -19.53 1.16 -12.30
CA GLY B 72 -20.31 1.57 -11.14
C GLY B 72 -20.17 0.62 -9.97
N LEU B 73 -21.17 0.63 -9.10
CA LEU B 73 -21.14 -0.12 -7.85
C LEU B 73 -21.22 -1.61 -8.11
N LEU B 74 -20.25 -2.36 -7.62
CA LEU B 74 -20.20 -3.80 -7.92
C LEU B 74 -21.44 -4.54 -7.41
N VAL B 75 -21.90 -4.24 -6.20
CA VAL B 75 -23.04 -4.97 -5.68
C VAL B 75 -24.33 -4.69 -6.47
N ASP B 76 -24.39 -3.55 -7.15
CA ASP B 76 -25.50 -3.29 -8.08
C ASP B 76 -25.38 -4.20 -9.29
N PHE B 77 -24.19 -4.27 -9.88
CA PHE B 77 -23.93 -5.16 -11.01
C PHE B 77 -24.35 -6.60 -10.68
N VAL B 78 -23.93 -7.08 -9.53
CA VAL B 78 -24.24 -8.45 -9.10
C VAL B 78 -25.75 -8.66 -9.00
N ARG B 79 -26.43 -7.75 -8.30
CA ARG B 79 -27.84 -7.94 -7.99
C ARG B 79 -28.73 -7.75 -9.22
N GLU B 80 -28.34 -6.87 -10.11
CA GLU B 80 -29.12 -6.66 -11.33
C GLU B 80 -29.09 -7.89 -12.22
N ARG B 81 -28.13 -8.77 -12.01
CA ARG B 81 -28.07 -9.99 -12.80
C ARG B 81 -28.61 -11.19 -12.03
N GLY B 82 -29.33 -10.92 -10.95
CA GLY B 82 -30.01 -11.94 -10.20
C GLY B 82 -29.10 -12.80 -9.33
N LEU B 83 -27.87 -12.34 -9.13
CA LEU B 83 -26.88 -13.07 -8.35
C LEU B 83 -26.70 -12.39 -6.99
N ASN B 84 -26.04 -13.10 -6.07
CA ASN B 84 -25.81 -12.53 -4.74
C ASN B 84 -24.45 -12.89 -4.19
N ALA B 85 -23.51 -13.17 -5.09
CA ALA B 85 -22.17 -13.60 -4.69
C ALA B 85 -21.10 -13.10 -5.64
N ILE B 86 -19.97 -12.77 -5.04
CA ILE B 86 -18.73 -12.39 -5.68
C ILE B 86 -17.71 -13.52 -5.44
N VAL B 87 -16.86 -13.81 -6.41
CA VAL B 87 -15.76 -14.74 -6.23
C VAL B 87 -14.43 -14.12 -6.71
N LYS B 88 -13.37 -14.30 -5.93
CA LYS B 88 -12.08 -13.69 -6.22
C LYS B 88 -10.92 -14.55 -5.74
N GLY B 89 -9.77 -14.45 -6.39
CA GLY B 89 -8.60 -15.20 -5.93
C GLY B 89 -7.73 -14.38 -5.00
N LEU B 90 -6.98 -15.05 -4.12
CA LEU B 90 -6.09 -14.38 -3.17
C LEU B 90 -4.70 -15.02 -3.20
N ARG B 91 -3.64 -14.21 -3.18
CA ARG B 91 -2.29 -14.75 -3.16
C ARG B 91 -1.66 -14.67 -1.77
N THR B 92 -1.90 -13.57 -1.05
CA THR B 92 -1.22 -13.34 0.22
C THR B 92 -2.16 -12.94 1.34
N GLY B 93 -1.64 -12.98 2.57
CA GLY B 93 -2.39 -12.50 3.71
C GLY B 93 -2.83 -11.04 3.55
N THR B 94 -2.00 -10.23 2.90
CA THR B 94 -2.33 -8.82 2.72
C THR B 94 -3.49 -8.68 1.73
N ASP B 95 -3.51 -9.53 0.69
CA ASP B 95 -4.65 -9.61 -0.21
C ASP B 95 -5.89 -9.89 0.61
N PHE B 96 -5.80 -10.87 1.51
CA PHE B 96 -6.95 -11.22 2.32
C PHE B 96 -7.42 -10.04 3.17
N GLU B 97 -6.49 -9.31 3.78
CA GLU B 97 -6.85 -8.17 4.63
C GLU B 97 -7.66 -7.14 3.86
N TYR B 98 -7.15 -6.76 2.70
CA TYR B 98 -7.81 -5.80 1.83
C TYR B 98 -9.18 -6.30 1.40
N GLU B 99 -9.21 -7.54 0.92
CA GLU B 99 -10.44 -8.06 0.37
C GLU B 99 -11.47 -8.36 1.46
N LEU B 100 -11.02 -8.71 2.67
CA LEU B 100 -11.96 -8.90 3.76
C LEU B 100 -12.71 -7.62 4.04
N GLN B 101 -11.99 -6.50 4.04
CA GLN B 101 -12.65 -5.23 4.26
C GLN B 101 -13.66 -4.90 3.16
N MET B 102 -13.28 -5.13 1.90
CA MET B 102 -14.24 -4.92 0.81
C MET B 102 -15.42 -5.89 0.92
N ALA B 103 -15.12 -7.14 1.25
CA ALA B 103 -16.18 -8.12 1.38
C ALA B 103 -17.16 -7.75 2.47
N GLN B 104 -16.65 -7.30 3.62
CA GLN B 104 -17.56 -6.95 4.71
C GLN B 104 -18.39 -5.71 4.36
N MET B 105 -17.78 -4.78 3.64
CA MET B 105 -18.51 -3.60 3.18
C MET B 105 -19.61 -4.00 2.21
N ASN B 106 -19.27 -4.86 1.26
CA ASN B 106 -20.28 -5.25 0.26
C ASN B 106 -21.44 -6.04 0.87
N LYS B 107 -21.17 -6.85 1.88
CA LYS B 107 -22.25 -7.58 2.54
C LYS B 107 -23.08 -6.62 3.37
N HIS B 108 -22.42 -5.69 4.03
CA HIS B 108 -23.15 -4.69 4.79
C HIS B 108 -24.11 -3.86 3.92
N ILE B 109 -23.64 -3.35 2.79
CA ILE B 109 -24.45 -2.39 2.02
C ILE B 109 -25.50 -3.06 1.15
N ALA B 110 -25.34 -4.34 0.83
CA ALA B 110 -26.25 -4.96 -0.15
C ALA B 110 -26.57 -6.44 0.10
N GLY B 111 -25.98 -7.04 1.12
CA GLY B 111 -26.24 -8.44 1.40
C GLY B 111 -25.58 -9.41 0.43
N VAL B 112 -24.67 -8.90 -0.40
CA VAL B 112 -23.92 -9.72 -1.34
C VAL B 112 -22.71 -10.35 -0.65
N ASP B 113 -22.55 -11.66 -0.80
CA ASP B 113 -21.46 -12.37 -0.14
C ASP B 113 -20.27 -12.51 -1.07
N THR B 114 -19.12 -12.87 -0.52
CA THR B 114 -17.89 -13.02 -1.30
C THR B 114 -17.19 -14.32 -0.94
N PHE B 115 -16.83 -15.08 -1.96
CA PHE B 115 -16.07 -16.31 -1.78
C PHE B 115 -14.68 -16.15 -2.37
N PHE B 116 -13.68 -16.60 -1.63
CA PHE B 116 -12.30 -16.49 -2.09
C PHE B 116 -11.70 -17.87 -2.35
N VAL B 117 -10.80 -17.95 -3.31
CA VAL B 117 -9.95 -19.14 -3.41
C VAL B 117 -8.49 -18.77 -3.33
N ALA B 118 -7.69 -19.71 -2.84
CA ALA B 118 -6.27 -19.50 -2.78
C ALA B 118 -5.62 -19.75 -4.14
N THR B 119 -4.66 -18.89 -4.48
CA THR B 119 -3.86 -19.03 -5.67
C THR B 119 -3.30 -20.44 -5.81
N ALA B 120 -3.16 -20.89 -7.07
CA ALA B 120 -2.33 -22.03 -7.35
C ALA B 120 -0.91 -21.66 -6.96
N PRO B 121 -0.16 -22.60 -6.38
CA PRO B 121 1.23 -22.29 -6.02
C PRO B 121 2.06 -21.67 -7.15
N ALA B 122 1.90 -22.18 -8.37
CA ALA B 122 2.73 -21.78 -9.50
C ALA B 122 2.52 -20.31 -9.87
N TYR B 123 1.38 -19.75 -9.50
CA TYR B 123 1.06 -18.39 -9.94
C TYR B 123 1.05 -17.35 -8.82
N SER B 124 1.64 -17.69 -7.68
CA SER B 124 1.55 -16.84 -6.49
C SER B 124 2.23 -15.47 -6.69
N PHE B 125 3.19 -15.40 -7.59
CA PHE B 125 3.93 -14.15 -7.81
C PHE B 125 3.44 -13.39 -9.04
N VAL B 126 2.46 -13.95 -9.74
CA VAL B 126 1.98 -13.36 -10.98
C VAL B 126 0.94 -12.28 -10.74
N SER B 127 1.13 -11.14 -11.40
CA SER B 127 0.13 -10.08 -11.45
C SER B 127 0.22 -9.44 -12.82
N SER B 128 -0.85 -8.78 -13.23
CA SER B 128 -0.85 -8.05 -14.50
C SER B 128 0.23 -6.98 -14.49
N SER B 129 0.33 -6.27 -13.37
CA SER B 129 1.20 -5.11 -13.31
C SER B 129 2.66 -5.54 -13.39
N LEU B 130 3.03 -6.58 -12.65
CA LEU B 130 4.41 -7.00 -12.68
C LEU B 130 4.72 -7.66 -14.02
N ALA B 131 3.74 -8.35 -14.61
CA ALA B 131 3.97 -8.97 -15.91
C ALA B 131 4.21 -7.92 -16.99
N LYS B 132 3.41 -6.87 -16.98
CA LYS B 132 3.58 -5.76 -17.93
C LYS B 132 4.93 -5.08 -17.74
N GLU B 133 5.34 -4.89 -16.49
CA GLU B 133 6.58 -4.20 -16.21
C GLU B 133 7.76 -5.01 -16.71
N VAL B 134 7.74 -6.30 -16.43
CA VAL B 134 8.82 -7.18 -16.85
C VAL B 134 8.90 -7.22 -18.37
N ALA B 135 7.75 -7.35 -19.02
CA ALA B 135 7.69 -7.46 -20.48
C ALA B 135 8.19 -6.17 -21.13
N THR B 136 7.86 -5.03 -20.51
CA THR B 136 8.26 -3.72 -21.02
C THR B 136 9.78 -3.61 -21.16
N TYR B 137 10.51 -4.22 -20.22
CA TYR B 137 11.97 -4.16 -20.23
C TYR B 137 12.60 -5.42 -20.79
N GLY B 138 11.85 -6.14 -21.63
CA GLY B 138 12.40 -7.25 -22.39
C GLY B 138 12.36 -8.61 -21.74
N GLY B 139 11.76 -8.71 -20.56
CA GLY B 139 11.68 -9.98 -19.86
C GLY B 139 10.66 -10.94 -20.46
N ASP B 140 10.89 -12.24 -20.26
CA ASP B 140 10.03 -13.27 -20.83
C ASP B 140 8.91 -13.68 -19.87
N VAL B 141 7.70 -13.17 -20.13
CA VAL B 141 6.57 -13.48 -19.27
C VAL B 141 5.63 -14.48 -19.93
N SER B 142 6.11 -15.19 -20.94
CA SER B 142 5.27 -16.07 -21.74
C SER B 142 4.65 -17.25 -20.97
N ALA B 143 5.33 -17.71 -19.92
CA ALA B 143 4.85 -18.86 -19.15
C ALA B 143 3.81 -18.45 -18.10
N LEU B 144 3.53 -17.16 -18.04
CA LEU B 144 2.66 -16.59 -17.02
C LEU B 144 1.34 -16.11 -17.58
N LEU B 145 1.25 -16.11 -18.91
CA LEU B 145 0.08 -15.58 -19.64
C LEU B 145 -0.45 -16.61 -20.61
N PRO B 146 -1.74 -16.54 -20.92
CA PRO B 146 -2.27 -17.39 -21.99
C PRO B 146 -1.62 -17.01 -23.32
N ALA B 147 -1.52 -17.95 -24.26
CA ALA B 147 -0.83 -17.72 -25.52
C ALA B 147 -1.35 -16.49 -26.27
N SER B 148 -2.66 -16.37 -26.37
CA SER B 148 -3.30 -15.27 -27.06
C SER B 148 -2.89 -13.93 -26.48
N VAL B 149 -2.77 -13.90 -25.15
CA VAL B 149 -2.45 -12.67 -24.45
C VAL B 149 -1.03 -12.22 -24.72
N HIS B 150 -0.09 -13.17 -24.70
CA HIS B 150 1.33 -12.82 -24.85
C HIS B 150 1.58 -12.21 -26.21
N GLN B 151 1.00 -12.80 -27.24
CA GLN B 151 1.09 -12.27 -28.60
C GLN B 151 0.57 -10.84 -28.68
N ARG B 152 -0.60 -10.60 -28.10
CA ARG B 152 -1.18 -9.27 -28.06
C ARG B 152 -0.30 -8.29 -27.28
N LEU B 153 0.31 -8.78 -26.20
CA LEU B 153 1.14 -7.94 -25.34
C LEU B 153 2.38 -7.43 -26.09
N LEU B 154 3.01 -8.34 -26.83
CA LEU B 154 4.17 -7.98 -27.65
C LEU B 154 3.78 -6.89 -28.65
N GLY B 155 2.58 -7.02 -29.22
CA GLY B 155 2.07 -6.04 -30.16
C GLY B 155 1.94 -4.65 -29.58
N LYS B 156 1.43 -4.55 -28.35
CA LYS B 156 1.26 -3.26 -27.70
C LYS B 156 2.61 -2.60 -27.40
N LEU B 157 3.63 -3.43 -27.14
CA LEU B 157 4.92 -2.91 -26.72
C LEU B 157 5.75 -2.37 -27.88
N ARG B 158 5.25 -2.52 -29.10
CA ARG B 158 5.92 -1.96 -30.27
C ARG B 158 5.08 -0.87 -30.94
N MET C 2 34.31 -17.06 -6.76
CA MET C 2 34.02 -15.63 -6.71
C MET C 2 32.53 -15.37 -6.50
N THR C 3 32.14 -15.13 -5.27
CA THR C 3 30.73 -14.89 -4.94
C THR C 3 30.41 -13.40 -4.97
N GLY C 4 29.17 -13.06 -5.27
CA GLY C 4 28.78 -11.67 -5.36
C GLY C 4 27.28 -11.45 -5.32
N ALA C 5 26.88 -10.22 -5.00
CA ALA C 5 25.45 -9.87 -4.98
C ALA C 5 25.23 -8.39 -5.29
N VAL C 6 24.08 -8.08 -5.87
CA VAL C 6 23.67 -6.71 -6.16
C VAL C 6 22.66 -6.27 -5.11
N CYS C 7 22.84 -5.06 -4.58
CA CYS C 7 21.92 -4.52 -3.59
C CYS C 7 21.20 -3.32 -4.19
N PRO C 8 19.94 -3.51 -4.62
CA PRO C 8 19.20 -2.50 -5.38
C PRO C 8 18.31 -1.64 -4.50
N GLY C 9 18.08 -0.41 -4.91
CA GLY C 9 17.20 0.48 -4.17
C GLY C 9 17.27 1.87 -4.74
N SER C 10 16.42 2.76 -4.24
CA SER C 10 16.47 4.14 -4.70
C SER C 10 17.48 4.94 -3.87
N PHE C 11 17.55 4.65 -2.57
CA PHE C 11 18.51 5.27 -1.65
C PHE C 11 18.46 6.79 -1.76
N ASP C 12 17.28 7.35 -1.50
CA ASP C 12 17.03 8.77 -1.68
C ASP C 12 16.61 9.48 -0.39
N PRO C 13 17.54 9.70 0.54
CA PRO C 13 18.95 9.32 0.52
C PRO C 13 19.22 8.00 1.24
N VAL C 14 20.44 7.51 1.12
CA VAL C 14 20.87 6.36 1.90
C VAL C 14 20.73 6.69 3.39
N THR C 15 20.23 5.73 4.16
CA THR C 15 20.10 5.86 5.62
C THR C 15 21.03 4.89 6.33
N LEU C 16 21.08 4.96 7.66
CA LEU C 16 21.91 4.05 8.43
C LEU C 16 21.37 2.62 8.32
N GLY C 17 20.07 2.51 8.06
CA GLY C 17 19.45 1.21 7.85
C GLY C 17 19.98 0.53 6.60
N HIS C 18 20.07 1.28 5.51
CA HIS C 18 20.66 0.79 4.27
C HIS C 18 22.12 0.43 4.49
N LEU C 19 22.87 1.36 5.10
CA LEU C 19 24.30 1.17 5.31
C LEU C 19 24.61 -0.11 6.09
N ASP C 20 23.81 -0.39 7.12
CA ASP C 20 23.94 -1.60 7.90
C ASP C 20 23.81 -2.84 7.01
N VAL C 21 22.84 -2.81 6.11
CA VAL C 21 22.67 -3.93 5.17
C VAL C 21 23.86 -4.05 4.22
N PHE C 22 24.36 -2.92 3.70
CA PHE C 22 25.53 -2.94 2.81
C PHE C 22 26.71 -3.60 3.52
N GLU C 23 26.95 -3.20 4.76
CA GLU C 23 28.08 -3.71 5.53
C GLU C 23 27.95 -5.21 5.73
N ARG C 24 26.73 -5.66 6.00
CA ARG C 24 26.47 -7.06 6.31
C ARG C 24 26.55 -7.91 5.05
N ALA C 25 26.13 -7.37 3.93
CA ALA C 25 26.27 -8.07 2.66
C ALA C 25 27.76 -8.19 2.31
N ALA C 26 28.48 -7.10 2.50
CA ALA C 26 29.90 -7.07 2.13
C ALA C 26 30.71 -8.05 2.96
N ALA C 27 30.24 -8.35 4.17
CA ALA C 27 30.93 -9.27 5.06
C ALA C 27 30.79 -10.72 4.60
N GLN C 28 29.80 -10.99 3.76
CA GLN C 28 29.51 -12.39 3.41
C GLN C 28 29.67 -12.71 1.92
N PHE C 29 29.74 -11.68 1.09
CA PHE C 29 29.99 -11.88 -0.34
C PHE C 29 31.31 -11.24 -0.73
N ASP C 30 32.04 -11.88 -1.65
CA ASP C 30 33.34 -11.34 -2.07
C ASP C 30 33.16 -9.98 -2.75
N GLU C 31 32.03 -9.80 -3.42
CA GLU C 31 31.76 -8.63 -4.22
C GLU C 31 30.33 -8.14 -4.01
N VAL C 32 30.16 -6.86 -3.68
CA VAL C 32 28.83 -6.26 -3.63
C VAL C 32 28.73 -5.05 -4.53
N ILE C 33 27.68 -5.02 -5.36
CA ILE C 33 27.38 -3.83 -6.14
C ILE C 33 26.07 -3.19 -5.71
N VAL C 34 26.15 -1.95 -5.23
CA VAL C 34 24.93 -1.21 -4.91
C VAL C 34 24.38 -0.58 -6.19
N ALA C 35 23.15 -0.96 -6.55
CA ALA C 35 22.52 -0.44 -7.74
C ALA C 35 21.52 0.66 -7.41
N VAL C 36 21.83 1.89 -7.82
CA VAL C 36 20.97 3.02 -7.54
C VAL C 36 19.98 3.18 -8.67
N LEU C 37 18.71 2.92 -8.37
CA LEU C 37 17.70 2.78 -9.42
C LEU C 37 17.21 4.10 -9.98
N ILE C 38 17.68 4.44 -11.18
CA ILE C 38 17.14 5.57 -11.93
C ILE C 38 15.69 5.28 -12.28
N ASN C 39 14.78 5.96 -11.61
CA ASN C 39 13.36 5.61 -11.69
C ASN C 39 12.51 6.67 -12.39
N PRO C 40 13.16 7.63 -13.08
CA PRO C 40 12.69 8.79 -13.84
C PRO C 40 11.23 8.67 -14.31
N ALA C 43 10.29 10.55 -9.17
CA ALA C 43 10.56 11.95 -8.80
C ALA C 43 11.01 12.06 -7.35
N GLY C 44 12.32 12.12 -7.14
CA GLY C 44 12.87 12.14 -5.79
C GLY C 44 13.52 13.45 -5.38
N MET C 45 14.28 13.40 -4.28
CA MET C 45 14.92 14.59 -3.73
C MET C 45 16.34 14.79 -4.24
N PHE C 46 17.10 13.70 -4.34
CA PHE C 46 18.46 13.77 -4.83
C PHE C 46 18.57 13.22 -6.25
N THR C 47 19.52 13.75 -7.01
CA THR C 47 19.84 13.20 -8.32
C THR C 47 20.52 11.85 -8.15
N VAL C 48 20.50 11.02 -9.19
CA VAL C 48 21.15 9.72 -9.12
C VAL C 48 22.62 9.87 -8.73
N ASP C 49 23.30 10.86 -9.32
CA ASP C 49 24.71 11.08 -9.04
C ASP C 49 24.96 11.53 -7.61
N GLU C 50 24.05 12.32 -7.06
CA GLU C 50 24.16 12.75 -5.67
C GLU C 50 24.01 11.54 -4.74
N ARG C 51 23.04 10.69 -5.06
CA ARG C 51 22.81 9.47 -4.28
C ARG C 51 24.03 8.55 -4.31
N ILE C 52 24.57 8.35 -5.50
CA ILE C 52 25.77 7.55 -5.67
C ILE C 52 26.93 8.08 -4.83
N GLU C 53 27.16 9.39 -4.87
CA GLU C 53 28.24 10.00 -4.10
C GLU C 53 28.04 9.84 -2.60
N MET C 54 26.81 10.08 -2.13
CA MET C 54 26.49 9.90 -0.72
C MET C 54 26.74 8.48 -0.26
N ILE C 55 26.39 7.50 -1.09
CA ILE C 55 26.65 6.11 -0.76
C ILE C 55 28.15 5.85 -0.75
N ARG C 56 28.84 6.36 -1.77
CA ARG C 56 30.28 6.17 -1.87
C ARG C 56 31.02 6.73 -0.65
N GLU C 57 30.62 7.94 -0.22
CA GLU C 57 31.20 8.59 0.95
C GLU C 57 31.09 7.74 2.22
N SER C 58 29.95 7.07 2.40
CA SER C 58 29.68 6.37 3.64
C SER C 58 30.06 4.90 3.61
N THR C 59 30.54 4.42 2.47
CA THR C 59 30.99 3.03 2.34
C THR C 59 32.49 2.92 2.05
N ALA C 60 33.25 3.97 2.39
CA ALA C 60 34.68 3.97 2.11
C ALA C 60 35.43 2.85 2.81
N ASP C 61 34.93 2.43 3.97
CA ASP C 61 35.57 1.37 4.76
C ASP C 61 35.25 -0.02 4.22
N LEU C 62 34.49 -0.10 3.13
CA LEU C 62 34.13 -1.40 2.55
C LEU C 62 34.83 -1.63 1.21
N PRO C 63 36.01 -2.27 1.24
CA PRO C 63 36.87 -2.45 0.07
C PRO C 63 36.20 -3.18 -1.08
N ASN C 64 35.29 -4.10 -0.77
CA ASN C 64 34.68 -4.94 -1.80
C ASN C 64 33.30 -4.48 -2.25
N LEU C 65 33.00 -3.21 -2.02
CA LEU C 65 31.72 -2.66 -2.44
C LEU C 65 31.90 -1.51 -3.44
N ARG C 66 31.11 -1.52 -4.50
CA ARG C 66 31.06 -0.39 -5.40
C ARG C 66 29.61 0.00 -5.71
N VAL C 67 29.45 1.18 -6.29
CA VAL C 67 28.14 1.78 -6.49
C VAL C 67 27.97 2.17 -7.96
N GLU C 68 26.84 1.80 -8.54
CA GLU C 68 26.53 2.14 -9.93
C GLU C 68 25.08 2.58 -10.05
N SER C 69 24.80 3.41 -11.06
CA SER C 69 23.41 3.69 -11.38
C SER C 69 22.83 2.49 -12.10
N GLY C 70 21.52 2.31 -12.00
CA GLY C 70 20.86 1.19 -12.66
C GLY C 70 19.61 1.61 -13.37
N GLN C 71 19.41 1.08 -14.56
CA GLN C 71 18.16 1.27 -15.31
C GLN C 71 17.77 -0.05 -15.99
N GLY C 72 16.52 -0.16 -16.39
CA GLY C 72 16.04 -1.38 -17.04
C GLY C 72 15.84 -2.50 -16.04
N LEU C 73 15.72 -3.73 -16.56
CA LEU C 73 15.49 -4.91 -15.73
C LEU C 73 16.63 -5.18 -14.77
N LEU C 74 16.31 -5.31 -13.49
CA LEU C 74 17.31 -5.61 -12.49
C LEU C 74 18.06 -6.90 -12.80
N VAL C 75 17.33 -7.92 -13.25
CA VAL C 75 17.98 -9.19 -13.52
C VAL C 75 18.98 -9.08 -14.66
N ASP C 76 18.73 -8.16 -15.60
CA ASP C 76 19.71 -7.86 -16.65
C ASP C 76 20.94 -7.16 -16.07
N PHE C 77 20.71 -6.15 -15.25
CA PHE C 77 21.80 -5.49 -14.53
C PHE C 77 22.67 -6.52 -13.84
N VAL C 78 22.04 -7.42 -13.09
CA VAL C 78 22.77 -8.43 -12.33
C VAL C 78 23.58 -9.37 -13.21
N ARG C 79 22.94 -9.94 -14.23
CA ARG C 79 23.58 -10.94 -15.07
C ARG C 79 24.66 -10.35 -15.99
N GLU C 80 24.46 -9.12 -16.44
CA GLU C 80 25.43 -8.45 -17.30
C GLU C 80 26.73 -8.14 -16.56
N ARG C 81 26.71 -8.27 -15.24
CA ARG C 81 27.92 -8.10 -14.43
C ARG C 81 28.42 -9.43 -13.89
N GLY C 82 27.87 -10.53 -14.41
CA GLY C 82 28.37 -11.85 -14.10
C GLY C 82 27.87 -12.45 -12.80
N LEU C 83 26.92 -11.77 -12.17
CA LEU C 83 26.35 -12.25 -10.91
C LEU C 83 24.99 -12.90 -11.13
N ASN C 84 24.46 -13.56 -10.10
CA ASN C 84 23.06 -13.95 -10.13
C ASN C 84 22.45 -14.04 -8.72
N ALA C 85 22.83 -13.07 -7.88
CA ALA C 85 22.21 -12.91 -6.58
C ALA C 85 21.90 -11.45 -6.31
N ILE C 86 20.74 -11.21 -5.73
CA ILE C 86 20.28 -9.91 -5.25
C ILE C 86 20.27 -9.99 -3.73
N VAL C 87 20.69 -8.94 -3.03
CA VAL C 87 20.58 -8.92 -1.58
C VAL C 87 19.80 -7.68 -1.15
N LYS C 88 18.90 -7.85 -0.18
CA LYS C 88 18.04 -6.75 0.23
C LYS C 88 17.64 -6.89 1.69
N GLY C 89 17.42 -5.77 2.37
CA GLY C 89 16.99 -5.82 3.77
C GLY C 89 15.48 -5.73 3.90
N LEU C 90 14.95 -6.30 4.98
CA LEU C 90 13.52 -6.29 5.27
C LEU C 90 13.26 -5.83 6.70
N ARG C 91 12.23 -5.01 6.90
CA ARG C 91 11.86 -4.60 8.25
C ARG C 91 10.66 -5.36 8.78
N THR C 92 9.71 -5.65 7.89
CA THR C 92 8.42 -6.19 8.31
C THR C 92 8.04 -7.42 7.50
N GLY C 93 7.08 -8.20 8.02
CA GLY C 93 6.54 -9.32 7.29
C GLY C 93 5.87 -8.86 6.00
N THR C 94 5.36 -7.63 6.01
CA THR C 94 4.74 -7.05 4.83
C THR C 94 5.77 -6.77 3.73
N ASP C 95 6.94 -6.26 4.14
CA ASP C 95 8.09 -6.14 3.24
C ASP C 95 8.39 -7.50 2.62
N PHE C 96 8.40 -8.53 3.46
CA PHE C 96 8.70 -9.87 2.94
C PHE C 96 7.71 -10.29 1.86
N GLU C 97 6.43 -10.02 2.06
CA GLU C 97 5.41 -10.45 1.10
C GLU C 97 5.65 -9.80 -0.25
N TYR C 98 5.83 -8.49 -0.22
CA TYR C 98 6.09 -7.71 -1.43
C TYR C 98 7.37 -8.20 -2.10
N GLU C 99 8.43 -8.34 -1.32
CA GLU C 99 9.71 -8.75 -1.89
C GLU C 99 9.73 -10.21 -2.33
N LEU C 100 8.90 -11.05 -1.70
CA LEU C 100 8.85 -12.45 -2.12
C LEU C 100 8.34 -12.55 -3.55
N GLN C 101 7.35 -11.74 -3.88
CA GLN C 101 6.79 -11.77 -5.23
C GLN C 101 7.82 -11.35 -6.27
N MET C 102 8.57 -10.29 -5.98
CA MET C 102 9.62 -9.87 -6.91
C MET C 102 10.70 -10.92 -7.01
N ALA C 103 11.05 -11.52 -5.87
CA ALA C 103 12.11 -12.51 -5.84
C ALA C 103 11.72 -13.72 -6.69
N GLN C 104 10.49 -14.17 -6.54
CA GLN C 104 10.05 -15.33 -7.31
C GLN C 104 9.93 -14.97 -8.79
N MET C 105 9.51 -13.76 -9.10
CA MET C 105 9.47 -13.33 -10.49
C MET C 105 10.88 -13.30 -11.08
N ASN C 106 11.83 -12.73 -10.33
CA ASN C 106 13.18 -12.59 -10.84
C ASN C 106 13.87 -13.93 -11.05
N LYS C 107 13.56 -14.89 -10.19
CA LYS C 107 14.11 -16.23 -10.33
C LYS C 107 13.52 -16.93 -11.54
N HIS C 108 12.23 -16.72 -11.74
CA HIS C 108 11.52 -17.32 -12.86
C HIS C 108 12.06 -16.83 -14.21
N ILE C 109 12.19 -15.53 -14.36
CA ILE C 109 12.54 -14.98 -15.66
C ILE C 109 14.04 -15.05 -15.99
N ALA C 110 14.89 -15.22 -14.98
CA ALA C 110 16.33 -15.11 -15.21
C ALA C 110 17.22 -15.99 -14.36
N GLY C 111 16.65 -16.76 -13.43
CA GLY C 111 17.43 -17.64 -12.59
C GLY C 111 18.25 -16.91 -11.52
N VAL C 112 17.97 -15.63 -11.33
CA VAL C 112 18.65 -14.83 -10.32
C VAL C 112 18.00 -15.01 -8.96
N ASP C 113 18.78 -15.33 -7.94
CA ASP C 113 18.24 -15.57 -6.60
C ASP C 113 18.26 -14.29 -5.77
N THR C 114 17.52 -14.32 -4.67
CA THR C 114 17.48 -13.16 -3.76
C THR C 114 17.69 -13.59 -2.33
N PHE C 115 18.58 -12.87 -1.64
CA PHE C 115 18.83 -13.13 -0.24
C PHE C 115 18.40 -11.92 0.55
N PHE C 116 17.68 -12.18 1.64
CA PHE C 116 17.21 -11.10 2.50
C PHE C 116 17.89 -11.14 3.85
N VAL C 117 18.03 -9.96 4.44
CA VAL C 117 18.46 -9.89 5.84
C VAL C 117 17.45 -9.08 6.63
N ALA C 118 17.31 -9.41 7.91
CA ALA C 118 16.44 -8.66 8.81
C ALA C 118 17.12 -7.35 9.22
N THR C 119 16.35 -6.28 9.26
CA THR C 119 16.82 -5.00 9.79
C THR C 119 17.48 -5.14 11.16
N ALA C 120 18.43 -4.27 11.44
CA ALA C 120 18.90 -4.13 12.82
C ALA C 120 17.74 -3.56 13.62
N PRO C 121 17.57 -4.00 14.87
CA PRO C 121 16.50 -3.47 15.73
C PRO C 121 16.44 -1.95 15.74
N ALA C 122 17.60 -1.31 15.83
CA ALA C 122 17.69 0.16 15.96
C ALA C 122 17.09 0.90 14.78
N TYR C 123 17.01 0.26 13.62
CA TYR C 123 16.60 0.95 12.40
C TYR C 123 15.23 0.51 11.86
N SER C 124 14.45 -0.15 12.72
CA SER C 124 13.14 -0.67 12.38
C SER C 124 12.20 0.40 11.81
N PHE C 125 12.32 1.62 12.30
CA PHE C 125 11.38 2.68 11.94
C PHE C 125 11.99 3.64 10.90
N VAL C 126 13.19 3.32 10.44
CA VAL C 126 13.92 4.23 9.54
C VAL C 126 13.65 3.93 8.08
N SER C 127 13.28 4.96 7.33
CA SER C 127 13.13 4.89 5.88
C SER C 127 13.55 6.23 5.30
N SER C 128 13.91 6.24 4.02
CA SER C 128 14.26 7.49 3.37
C SER C 128 13.08 8.45 3.41
N SER C 129 11.89 7.93 3.15
CA SER C 129 10.71 8.78 3.01
C SER C 129 10.32 9.41 4.34
N LEU C 130 10.28 8.62 5.41
CA LEU C 130 9.92 9.18 6.70
C LEU C 130 10.98 10.16 7.20
N ALA C 131 12.25 9.86 6.95
CA ALA C 131 13.33 10.75 7.36
C ALA C 131 13.25 12.12 6.67
N LYS C 132 12.93 12.12 5.38
CA LYS C 132 12.80 13.37 4.64
C LYS C 132 11.59 14.15 5.14
N GLU C 133 10.49 13.44 5.35
CA GLU C 133 9.26 14.06 5.84
C GLU C 133 9.45 14.75 7.20
N VAL C 134 10.03 14.02 8.16
CA VAL C 134 10.30 14.61 9.46
C VAL C 134 11.26 15.81 9.36
N ALA C 135 12.32 15.66 8.56
CA ALA C 135 13.32 16.71 8.39
C ALA C 135 12.70 17.95 7.74
N THR C 136 11.76 17.72 6.84
CA THR C 136 11.07 18.80 6.14
C THR C 136 10.30 19.68 7.12
N TYR C 137 9.67 19.05 8.09
CA TYR C 137 8.89 19.80 9.08
C TYR C 137 9.72 20.13 10.31
N GLY C 138 11.04 20.01 10.19
CA GLY C 138 11.95 20.47 11.23
C GLY C 138 12.36 19.50 12.32
N GLY C 139 12.13 18.21 12.13
CA GLY C 139 12.54 17.23 13.14
C GLY C 139 13.99 16.81 13.01
N ASP C 140 14.58 16.36 14.11
CA ASP C 140 16.00 15.98 14.12
C ASP C 140 16.21 14.52 13.76
N VAL C 141 16.70 14.28 12.56
CA VAL C 141 16.95 12.92 12.07
C VAL C 141 18.45 12.61 11.95
N SER C 142 19.27 13.42 12.61
CA SER C 142 20.72 13.28 12.52
C SER C 142 21.23 11.90 12.96
N ALA C 143 20.50 11.24 13.86
CA ALA C 143 20.91 9.95 14.37
C ALA C 143 20.49 8.79 13.47
N LEU C 144 19.85 9.11 12.35
CA LEU C 144 19.29 8.08 11.47
C LEU C 144 19.99 8.03 10.11
N LEU C 145 20.88 9.01 9.88
CA LEU C 145 21.56 9.17 8.60
C LEU C 145 23.07 9.26 8.80
N PRO C 146 23.83 8.86 7.77
CA PRO C 146 25.30 9.04 7.80
C PRO C 146 25.60 10.52 7.97
N ALA C 147 26.63 10.85 8.76
CA ALA C 147 26.96 12.25 9.05
C ALA C 147 27.01 13.09 7.79
N SER C 148 27.64 12.54 6.76
CA SER C 148 27.76 13.20 5.46
C SER C 148 26.39 13.51 4.87
N VAL C 149 25.58 12.47 4.69
CA VAL C 149 24.23 12.60 4.15
C VAL C 149 23.39 13.63 4.89
N HIS C 150 23.57 13.69 6.21
CA HIS C 150 22.76 14.59 7.04
C HIS C 150 23.02 16.05 6.68
N GLN C 151 24.29 16.39 6.46
CA GLN C 151 24.63 17.74 6.05
C GLN C 151 24.02 18.08 4.70
N ARG C 152 24.09 17.14 3.76
CA ARG C 152 23.55 17.35 2.42
C ARG C 152 22.04 17.55 2.42
N LEU C 153 21.34 16.81 3.29
CA LEU C 153 19.89 16.91 3.38
C LEU C 153 19.46 18.30 3.85
N LEU C 154 20.15 18.80 4.87
CA LEU C 154 19.92 20.15 5.38
C LEU C 154 20.05 21.18 4.26
N GLY C 155 21.09 21.03 3.45
CA GLY C 155 21.32 21.92 2.33
C GLY C 155 20.21 21.88 1.30
N LYS C 156 19.70 20.68 1.03
CA LYS C 156 18.65 20.51 0.03
C LYS C 156 17.35 21.18 0.46
N LEU C 157 17.16 21.29 1.77
CA LEU C 157 15.92 21.84 2.31
C LEU C 157 15.98 23.36 2.42
N ARG C 158 17.17 23.89 2.68
CA ARG C 158 17.38 25.33 2.76
C ARG C 158 17.47 25.95 1.36
#